data_3OJ0
#
_entry.id   3OJ0
#
_cell.length_a   92.52
_cell.length_b   92.52
_cell.length_c   33.47
_cell.angle_alpha   90.00
_cell.angle_beta   90.00
_cell.angle_gamma   120.00
#
_symmetry.space_group_name_H-M   'P 61'
#
loop_
_entity.id
_entity.type
_entity.pdbx_description
1 polymer 'Glutamyl-tRNA reductase'
2 non-polymer GLYCEROL
3 non-polymer 'SULFATE ION'
4 water water
#
_entity_poly.entity_id   1
_entity_poly.type   'polypeptide(L)'
_entity_poly.pdbx_seq_one_letter_code
;SNAGKVSIPSIVYDIVRKNGGNKILLVGNG(MSE)LASEIAPYFSYPQYKVTVAGRNIDHVRAFAEKYEYEYVLINDIDS
LIKNNDVIITATSSKTPIVEERSL(MSE)PGKLFIDLGNPPNIERGNNVITLDEIYEISKKNE(MSE)LREEKINQ
;
_entity_poly.pdbx_strand_id   A
#
# COMPACT_ATOMS: atom_id res chain seq x y z
N GLY A 4 16.56 13.14 -0.53
CA GLY A 4 16.04 11.83 -0.01
C GLY A 4 14.89 12.03 0.95
N LYS A 5 13.76 11.39 0.67
CA LYS A 5 12.56 11.62 1.45
C LYS A 5 12.61 10.81 2.75
N VAL A 6 11.95 11.33 3.77
CA VAL A 6 11.98 10.72 5.10
C VAL A 6 10.61 10.29 5.58
N SER A 7 9.56 11.06 5.29
CA SER A 7 8.24 10.66 5.76
C SER A 7 7.82 9.36 5.08
N ILE A 8 7.23 8.44 5.83
CA ILE A 8 6.83 7.14 5.27
C ILE A 8 5.93 7.29 4.03
N PRO A 9 4.86 8.10 4.11
CA PRO A 9 4.03 8.19 2.89
C PRO A 9 4.76 8.81 1.69
N SER A 10 5.70 9.72 1.94
N SER A 10 5.70 9.72 1.94
CA SER A 10 6.47 10.33 0.87
CA SER A 10 6.46 10.33 0.86
C SER A 10 7.35 9.29 0.16
C SER A 10 7.37 9.31 0.17
N ILE A 11 7.96 8.41 0.94
CA ILE A 11 8.78 7.34 0.37
C ILE A 11 7.91 6.34 -0.41
N VAL A 12 6.77 5.97 0.18
CA VAL A 12 5.85 5.02 -0.52
C VAL A 12 5.42 5.64 -1.87
N TYR A 13 5.05 6.91 -1.84
CA TYR A 13 4.68 7.61 -3.07
C TYR A 13 5.83 7.57 -4.07
N ASP A 14 7.04 7.86 -3.63
CA ASP A 14 8.16 7.95 -4.54
C ASP A 14 8.46 6.57 -5.17
N ILE A 15 8.35 5.50 -4.36
CA ILE A 15 8.57 4.16 -4.87
C ILE A 15 7.52 3.83 -5.92
N VAL A 16 6.26 4.18 -5.62
CA VAL A 16 5.18 3.90 -6.58
C VAL A 16 5.36 4.72 -7.85
N ARG A 17 5.72 5.99 -7.71
CA ARG A 17 5.94 6.85 -8.87
CA ARG A 17 5.92 6.84 -8.88
C ARG A 17 7.02 6.28 -9.78
N LYS A 18 8.13 5.80 -9.19
CA LYS A 18 9.23 5.29 -9.99
C LYS A 18 8.86 3.97 -10.66
N ASN A 19 8.00 3.22 -10.01
CA ASN A 19 7.49 1.97 -10.57
C ASN A 19 6.68 2.23 -11.84
N GLY A 20 5.90 3.31 -11.82
CA GLY A 20 5.15 3.74 -12.99
C GLY A 20 3.72 3.23 -13.07
N GLY A 21 3.33 2.29 -12.21
CA GLY A 21 1.96 1.78 -12.30
C GLY A 21 0.96 2.83 -11.87
N ASN A 22 -0.27 2.84 -12.42
CA ASN A 22 -1.25 3.82 -11.97
C ASN A 22 -2.52 3.24 -11.32
N LYS A 23 -2.68 1.92 -11.35
CA LYS A 23 -3.80 1.30 -10.65
C LYS A 23 -3.33 0.74 -9.33
N ILE A 24 -3.86 1.27 -8.24
CA ILE A 24 -3.39 0.89 -6.91
C ILE A 24 -4.47 0.19 -6.12
N LEU A 25 -4.14 -0.97 -5.56
CA LEU A 25 -5.03 -1.63 -4.62
C LEU A 25 -4.53 -1.27 -3.24
N LEU A 26 -5.34 -0.57 -2.45
CA LEU A 26 -4.99 -0.22 -1.08
C LEU A 26 -5.81 -1.08 -0.12
N VAL A 27 -5.16 -2.01 0.57
CA VAL A 27 -5.86 -2.88 1.52
C VAL A 27 -5.64 -2.34 2.93
N GLY A 28 -6.50 -1.42 3.35
CA GLY A 28 -6.33 -0.86 4.67
C GLY A 28 -7.15 0.39 4.75
N ASN A 29 -7.53 0.76 5.96
CA ASN A 29 -8.38 1.94 6.11
C ASN A 29 -8.18 2.63 7.44
N GLY A 30 -7.02 2.39 8.05
CA GLY A 30 -6.67 2.93 9.36
C GLY A 30 -5.76 4.14 9.26
N LEU A 32 -2.39 4.57 9.08
CA LEU A 32 -1.32 4.58 8.08
C LEU A 32 -1.91 4.71 6.67
N ALA A 33 -2.99 4.00 6.40
CA ALA A 33 -3.65 4.19 5.12
C ALA A 33 -4.06 5.64 4.91
N SER A 34 -4.56 6.27 5.99
CA SER A 34 -5.00 7.66 5.94
C SER A 34 -3.84 8.60 5.67
N GLU A 35 -2.65 8.22 6.11
CA GLU A 35 -1.47 9.06 5.85
C GLU A 35 -1.00 8.95 4.41
N ILE A 36 -1.23 7.81 3.79
CA ILE A 36 -0.77 7.55 2.43
C ILE A 36 -1.74 8.10 1.41
N ALA A 37 -3.03 8.03 1.71
CA ALA A 37 -4.05 8.44 0.74
C ALA A 37 -3.86 9.82 0.09
N PRO A 38 -3.49 10.84 0.87
CA PRO A 38 -3.36 12.17 0.28
C PRO A 38 -2.36 12.21 -0.89
N TYR A 39 -1.50 11.21 -1.00
CA TYR A 39 -0.47 11.20 -2.03
C TYR A 39 -0.96 10.60 -3.34
N PHE A 40 -2.10 9.92 -3.34
CA PHE A 40 -2.56 9.24 -4.52
C PHE A 40 -3.98 9.67 -4.85
N SER A 41 -4.14 10.42 -5.93
CA SER A 41 -5.45 11.02 -6.26
C SER A 41 -5.74 10.77 -7.72
N TYR A 42 -7.03 10.60 -8.03
CA TYR A 42 -7.49 10.49 -9.41
C TYR A 42 -7.42 11.88 -10.04
N PRO A 43 -7.10 11.96 -11.33
CA PRO A 43 -6.88 10.89 -12.31
C PRO A 43 -5.44 10.40 -12.40
N GLN A 44 -4.51 10.98 -11.64
CA GLN A 44 -3.12 10.50 -11.70
C GLN A 44 -3.07 9.03 -11.34
N TYR A 45 -3.85 8.66 -10.32
CA TYR A 45 -3.90 7.29 -9.81
C TYR A 45 -5.34 6.85 -9.66
N LYS A 46 -5.54 5.56 -9.84
CA LYS A 46 -6.85 4.95 -9.68
C LYS A 46 -6.74 4.01 -8.51
N VAL A 47 -7.18 4.46 -7.35
CA VAL A 47 -7.04 3.69 -6.13
C VAL A 47 -8.35 2.97 -5.83
N THR A 48 -8.25 1.68 -5.57
CA THR A 48 -9.40 0.93 -5.07
C THR A 48 -9.04 0.53 -3.65
N VAL A 49 -9.88 0.92 -2.70
CA VAL A 49 -9.68 0.50 -1.32
C VAL A 49 -10.42 -0.80 -1.12
N ALA A 50 -9.75 -1.78 -0.53
CA ALA A 50 -10.35 -3.10 -0.36
C ALA A 50 -10.19 -3.46 1.09
N GLY A 51 -11.18 -4.17 1.63
CA GLY A 51 -11.05 -4.58 3.00
C GLY A 51 -12.03 -5.68 3.30
N ARG A 52 -12.00 -6.17 4.53
CA ARG A 52 -12.89 -7.23 4.97
C ARG A 52 -14.08 -6.66 5.76
N ASN A 53 -13.92 -5.44 6.27
CA ASN A 53 -15.00 -4.74 6.96
C ASN A 53 -15.57 -3.64 6.08
N ILE A 54 -16.73 -3.91 5.46
CA ILE A 54 -17.21 -3.03 4.40
C ILE A 54 -17.59 -1.63 4.89
N ASP A 55 -18.18 -1.49 6.07
CA ASP A 55 -18.56 -0.15 6.54
C ASP A 55 -17.32 0.73 6.78
N HIS A 56 -16.24 0.14 7.30
CA HIS A 56 -15.02 0.91 7.53
C HIS A 56 -14.39 1.28 6.20
N VAL A 57 -14.38 0.33 5.28
CA VAL A 57 -13.83 0.57 3.94
C VAL A 57 -14.60 1.71 3.26
N ARG A 58 -15.93 1.66 3.31
CA ARG A 58 -16.74 2.68 2.63
CA ARG A 58 -16.75 2.66 2.65
C ARG A 58 -16.48 4.06 3.19
N ALA A 59 -16.39 4.16 4.51
CA ALA A 59 -16.20 5.45 5.17
C ALA A 59 -14.84 6.04 4.80
N PHE A 60 -13.84 5.18 4.75
CA PHE A 60 -12.51 5.63 4.36
C PHE A 60 -12.52 6.08 2.89
N ALA A 61 -13.11 5.27 2.03
CA ALA A 61 -13.16 5.61 0.60
C ALA A 61 -13.93 6.89 0.36
N GLU A 62 -14.93 7.17 1.19
CA GLU A 62 -15.72 8.38 0.97
C GLU A 62 -14.87 9.61 1.25
N LYS A 63 -13.98 9.49 2.22
CA LYS A 63 -13.12 10.61 2.61
C LYS A 63 -12.12 10.99 1.52
N TYR A 64 -11.61 10.00 0.81
CA TYR A 64 -10.61 10.23 -0.23
C TYR A 64 -11.18 10.06 -1.64
N GLU A 65 -12.49 9.87 -1.72
CA GLU A 65 -13.19 9.70 -3.00
C GLU A 65 -12.56 8.59 -3.85
N TYR A 66 -12.38 7.45 -3.20
CA TYR A 66 -11.86 6.26 -3.83
C TYR A 66 -12.96 5.24 -4.16
N GLU A 67 -12.72 4.44 -5.19
CA GLU A 67 -13.54 3.25 -5.43
C GLU A 67 -13.25 2.30 -4.28
N TYR A 68 -14.20 1.43 -3.94
CA TYR A 68 -13.93 0.46 -2.89
C TYR A 68 -14.61 -0.87 -3.16
N VAL A 69 -14.12 -1.90 -2.50
CA VAL A 69 -14.62 -3.23 -2.72
C VAL A 69 -14.43 -4.08 -1.48
N LEU A 70 -15.37 -5.00 -1.29
CA LEU A 70 -15.22 -6.03 -0.29
C LEU A 70 -14.35 -7.17 -0.85
N ILE A 71 -13.27 -7.52 -0.14
CA ILE A 71 -12.42 -8.63 -0.56
C ILE A 71 -13.17 -9.96 -0.55
N ASN A 72 -13.06 -10.68 -1.65
CA ASN A 72 -13.57 -12.04 -1.74
C ASN A 72 -12.45 -12.87 -2.30
N ASP A 73 -12.14 -12.60 -3.56
CA ASP A 73 -11.04 -13.24 -4.27
C ASP A 73 -9.97 -12.18 -4.46
N ILE A 74 -8.92 -12.27 -3.65
CA ILE A 74 -7.88 -11.24 -3.69
C ILE A 74 -7.08 -11.34 -5.00
N ASP A 75 -7.06 -12.50 -5.62
CA ASP A 75 -6.35 -12.66 -6.90
C ASP A 75 -6.99 -11.84 -8.00
N SER A 76 -8.31 -11.74 -7.96
CA SER A 76 -9.05 -10.93 -8.93
C SER A 76 -8.59 -9.49 -8.80
N LEU A 77 -8.48 -9.02 -7.57
CA LEU A 77 -8.04 -7.64 -7.34
C LEU A 77 -6.60 -7.43 -7.76
N ILE A 78 -5.74 -8.40 -7.49
CA ILE A 78 -4.31 -8.26 -7.80
C ILE A 78 -4.14 -8.23 -9.32
N LYS A 79 -4.87 -9.10 -10.01
CA LYS A 79 -4.79 -9.17 -11.47
C LYS A 79 -5.12 -7.83 -12.12
N ASN A 80 -6.04 -7.07 -11.50
CA ASN A 80 -6.56 -5.83 -12.08
C ASN A 80 -5.82 -4.57 -11.65
N ASN A 81 -4.76 -4.73 -10.85
CA ASN A 81 -4.00 -3.59 -10.37
C ASN A 81 -2.51 -3.72 -10.59
N ASP A 82 -1.82 -2.59 -10.60
CA ASP A 82 -0.38 -2.55 -10.84
C ASP A 82 0.42 -2.60 -9.54
N VAL A 83 -0.16 -2.04 -8.49
CA VAL A 83 0.56 -1.83 -7.24
C VAL A 83 -0.41 -2.25 -6.14
N ILE A 84 0.07 -3.06 -5.19
CA ILE A 84 -0.75 -3.53 -4.08
C ILE A 84 -0.08 -3.02 -2.80
N ILE A 85 -0.80 -2.22 -2.00
CA ILE A 85 -0.28 -1.71 -0.74
C ILE A 85 -1.17 -2.20 0.37
N THR A 86 -0.64 -2.95 1.32
CA THR A 86 -1.44 -3.42 2.44
C THR A 86 -1.08 -2.63 3.68
N ALA A 87 -2.08 -2.25 4.46
CA ALA A 87 -1.83 -1.49 5.68
C ALA A 87 -2.95 -1.78 6.65
N THR A 88 -3.07 -3.04 7.02
CA THR A 88 -4.10 -3.44 7.94
C THR A 88 -3.52 -4.45 8.93
N SER A 89 -4.38 -5.05 9.73
N SER A 89 -4.39 -5.05 9.73
CA SER A 89 -3.93 -6.07 10.66
CA SER A 89 -3.95 -6.07 10.67
C SER A 89 -4.60 -7.39 10.32
C SER A 89 -4.61 -7.39 10.30
N SER A 90 -3.80 -8.43 10.15
CA SER A 90 -4.31 -9.73 9.83
C SER A 90 -3.48 -10.72 10.61
N LYS A 91 -4.14 -11.74 11.13
CA LYS A 91 -3.48 -12.78 11.92
C LYS A 91 -2.50 -13.53 11.06
N THR A 92 -2.89 -13.80 9.82
CA THR A 92 -2.00 -14.39 8.84
C THR A 92 -2.12 -13.58 7.56
N PRO A 93 -1.17 -13.73 6.65
CA PRO A 93 -1.21 -12.90 5.44
C PRO A 93 -2.53 -12.98 4.68
N ILE A 94 -3.00 -11.83 4.25
CA ILE A 94 -4.13 -11.75 3.35
C ILE A 94 -3.71 -12.22 1.96
N VAL A 95 -2.44 -11.95 1.61
CA VAL A 95 -1.91 -12.32 0.29
C VAL A 95 -0.82 -13.35 0.46
N GLU A 96 -1.07 -14.58 0.02
CA GLU A 96 -0.07 -15.63 0.11
C GLU A 96 0.86 -15.65 -1.12
N GLU A 97 1.92 -16.43 -1.03
CA GLU A 97 2.96 -16.42 -2.05
C GLU A 97 2.41 -16.68 -3.45
N ARG A 98 1.46 -17.62 -3.57
CA ARG A 98 0.97 -18.03 -4.88
C ARG A 98 0.26 -16.89 -5.60
N SER A 99 -0.13 -15.85 -4.87
CA SER A 99 -0.82 -14.69 -5.45
C SER A 99 0.12 -13.55 -5.88
N LEU A 100 1.40 -13.68 -5.56
CA LEU A 100 2.36 -12.61 -5.84
C LEU A 100 2.82 -12.67 -7.31
N PRO A 102 3.90 -11.84 -11.25
CA PRO A 102 5.00 -11.06 -11.82
C PRO A 102 4.52 -9.73 -12.38
N GLY A 103 5.38 -8.72 -12.32
CA GLY A 103 5.07 -7.42 -12.90
C GLY A 103 4.18 -6.54 -12.02
N LYS A 104 4.02 -6.94 -10.76
CA LYS A 104 3.27 -6.13 -9.80
C LYS A 104 4.22 -5.65 -8.72
N LEU A 105 3.92 -4.51 -8.13
CA LEU A 105 4.67 -3.99 -6.99
C LEU A 105 3.87 -4.26 -5.72
N PHE A 106 4.48 -4.95 -4.75
CA PHE A 106 3.83 -5.27 -3.47
C PHE A 106 4.53 -4.57 -2.35
N ILE A 107 3.77 -3.77 -1.60
CA ILE A 107 4.27 -3.04 -0.45
C ILE A 107 3.44 -3.41 0.76
N ASP A 108 4.06 -4.06 1.75
CA ASP A 108 3.33 -4.54 2.92
C ASP A 108 3.65 -3.69 4.13
N LEU A 109 2.74 -2.80 4.49
CA LEU A 109 2.92 -1.91 5.63
C LEU A 109 2.19 -2.41 6.87
N GLY A 110 1.75 -3.67 6.82
CA GLY A 110 0.98 -4.24 7.89
C GLY A 110 1.82 -4.73 9.05
N ASN A 111 1.15 -4.85 10.20
CA ASN A 111 1.73 -5.45 11.39
C ASN A 111 0.65 -6.24 12.13
N PRO A 112 0.81 -7.56 12.23
CA PRO A 112 1.88 -8.33 11.58
C PRO A 112 1.70 -8.37 10.05
N PRO A 113 2.52 -9.14 9.33
CA PRO A 113 2.51 -9.03 7.86
C PRO A 113 1.18 -9.33 7.19
N ASN A 114 0.77 -8.47 6.26
CA ASN A 114 -0.40 -8.78 5.45
C ASN A 114 -0.02 -9.56 4.22
N ILE A 115 1.27 -9.62 3.92
CA ILE A 115 1.74 -10.32 2.72
C ILE A 115 2.86 -11.28 3.10
N GLU A 116 2.80 -12.51 2.59
CA GLU A 116 3.86 -13.46 2.85
C GLU A 116 5.21 -12.82 2.53
N ARG A 117 6.17 -12.91 3.47
CA ARG A 117 7.44 -12.18 3.39
C ARG A 117 8.40 -12.71 2.35
N GLY A 118 9.13 -11.82 1.68
CA GLY A 118 10.18 -12.28 0.80
C GLY A 118 10.80 -11.14 0.01
N ASN A 119 11.75 -11.48 -0.86
CA ASN A 119 12.46 -10.44 -1.59
C ASN A 119 11.55 -9.73 -2.55
N ASN A 120 10.39 -10.32 -2.85
CA ASN A 120 9.43 -9.70 -3.78
C ASN A 120 8.41 -8.76 -3.14
N VAL A 121 8.60 -8.47 -1.85
CA VAL A 121 7.65 -7.64 -1.12
C VAL A 121 8.43 -6.68 -0.22
N ILE A 122 8.26 -5.38 -0.40
CA ILE A 122 8.96 -4.47 0.49
C ILE A 122 8.07 -4.15 1.68
N THR A 123 8.68 -4.04 2.86
CA THR A 123 7.92 -3.93 4.11
C THR A 123 8.08 -2.58 4.77
N LEU A 124 7.20 -2.28 5.71
CA LEU A 124 7.30 -1.03 6.47
C LEU A 124 8.68 -0.91 7.15
N ASP A 125 9.20 -2.02 7.69
CA ASP A 125 10.50 -1.95 8.36
C ASP A 125 11.59 -1.52 7.36
N GLU A 126 11.50 -2.02 6.13
CA GLU A 126 12.46 -1.64 5.09
C GLU A 126 12.28 -0.19 4.69
N ILE A 127 11.05 0.30 4.67
CA ILE A 127 10.77 1.70 4.36
CA ILE A 127 10.84 1.70 4.32
C ILE A 127 11.36 2.58 5.45
N TYR A 128 11.28 2.13 6.71
CA TYR A 128 11.92 2.90 7.77
C TYR A 128 13.44 2.88 7.69
N GLU A 129 14.02 1.80 7.17
CA GLU A 129 15.45 1.80 6.92
C GLU A 129 15.82 2.92 5.95
N ILE A 130 15.06 3.03 4.85
CA ILE A 130 15.28 4.13 3.90
C ILE A 130 15.15 5.46 4.62
N SER A 131 14.06 5.58 5.37
CA SER A 131 13.75 6.83 6.09
C SER A 131 14.87 7.25 7.04
N LYS A 132 15.35 6.33 7.86
CA LYS A 132 16.40 6.64 8.81
C LYS A 132 17.70 7.02 8.09
N LYS A 133 18.04 6.27 7.04
CA LYS A 133 19.26 6.60 6.30
C LYS A 133 19.15 8.00 5.71
N ASN A 134 18.00 8.34 5.15
CA ASN A 134 17.83 9.69 4.57
C ASN A 134 17.81 10.79 5.63
N GLU A 135 17.23 10.47 6.78
CA GLU A 135 17.16 11.42 7.89
C GLU A 135 18.57 11.79 8.33
N LEU A 137 21.48 11.17 6.36
CA LEU A 137 22.22 11.71 5.21
C LEU A 137 21.90 13.17 5.00
N ARG A 138 20.65 13.59 5.26
CA ARG A 138 20.35 14.99 4.94
C ARG A 138 20.87 15.93 6.00
N GLU A 139 21.39 15.37 7.10
CA GLU A 139 22.07 16.21 8.08
C GLU A 139 23.57 16.28 7.82
N GLU A 140 24.06 15.52 6.85
CA GLU A 140 25.50 15.42 6.62
C GLU A 140 25.93 16.29 5.43
N LYS A 141 27.10 16.92 5.59
CA LYS A 141 27.66 17.88 4.62
C LYS A 141 27.10 19.28 4.83
#